data_8HGR
#
_entry.id   8HGR
#
_cell.length_a   50.281
_cell.length_b   50.544
_cell.length_c   69.325
_cell.angle_alpha   90.000
_cell.angle_beta   90.000
_cell.angle_gamma   90.000
#
_symmetry.space_group_name_H-M   'P 21 21 21'
#
loop_
_entity.id
_entity.type
_entity.pdbx_description
1 polymer Flavodoxin
2 non-polymer 'MAGNESIUM ION'
3 non-polymer 'CHLORIDE ION'
4 water water
#
_entity_poly.entity_id   1
_entity_poly.type   'polypeptide(L)'
_entity_poly.pdbx_seq_one_letter_code
;MENLYFQGAKIGLFYGTQTGVTQTIAESIQQEFGGESIVDLNDIANADASDLNAYDYLIIGCPTWNVGELQSDWEGIYDD
LDSVNFQGKKVAYFGAGDQVGYSDNFQDAMGILEEKISSLGSQTVGYWPIEGYDFNESKAVRNNQFVGLAIDEDNQPDLT
KNRIKTWVSQLKSEFGLALEHHHHHH
;
_entity_poly.pdbx_strand_id   A
#
loop_
_chem_comp.id
_chem_comp.type
_chem_comp.name
_chem_comp.formula
CL non-polymer 'CHLORIDE ION' 'Cl -1'
MG non-polymer 'MAGNESIUM ION' 'Mg 2'
#
# COMPACT_ATOMS: atom_id res chain seq x y z
N ALA A 9 8.45 -14.27 7.59
CA ALA A 9 7.84 -13.29 8.47
C ALA A 9 6.32 -13.43 8.44
N LYS A 10 5.70 -12.93 9.52
CA LYS A 10 4.24 -12.85 9.58
C LYS A 10 3.67 -12.01 8.44
N ILE A 11 4.32 -10.89 8.10
CA ILE A 11 3.76 -9.91 7.16
C ILE A 11 4.63 -9.85 5.91
N GLY A 12 3.99 -9.89 4.75
CA GLY A 12 4.66 -9.75 3.48
C GLY A 12 4.38 -8.40 2.87
N LEU A 13 5.41 -7.57 2.73
CA LEU A 13 5.27 -6.24 2.14
C LEU A 13 5.79 -6.30 0.71
N PHE A 14 4.89 -6.11 -0.26
CA PHE A 14 5.22 -6.16 -1.67
C PHE A 14 5.09 -4.76 -2.25
N TYR A 15 6.13 -4.27 -2.90
CA TYR A 15 6.13 -2.90 -3.38
C TYR A 15 6.65 -2.85 -4.80
N GLY A 16 6.17 -1.85 -5.52
CA GLY A 16 6.72 -1.51 -6.82
C GLY A 16 7.27 -0.11 -6.69
N THR A 17 8.45 0.14 -7.22
CA THR A 17 9.05 1.46 -7.09
C THR A 17 9.35 1.98 -8.48
N GLN A 18 9.28 3.30 -8.59
CA GLN A 18 9.48 4.03 -9.84
C GLN A 18 10.63 5.02 -9.70
N THR A 19 10.58 5.85 -8.65
CA THR A 19 11.57 6.87 -8.39
C THR A 19 12.40 6.57 -7.14
N GLY A 20 12.18 5.43 -6.50
CA GLY A 20 12.83 5.09 -5.26
C GLY A 20 12.04 5.44 -4.01
N VAL A 21 11.06 6.33 -4.10
CA VAL A 21 10.33 6.78 -2.93
C VAL A 21 9.61 5.61 -2.28
N THR A 22 8.95 4.77 -3.09
CA THR A 22 8.18 3.67 -2.52
C THR A 22 9.07 2.71 -1.74
N GLN A 23 10.28 2.45 -2.24
CA GLN A 23 11.22 1.60 -1.50
C GLN A 23 11.60 2.21 -0.17
N THR A 24 11.84 3.51 -0.15
CA THR A 24 12.22 4.18 1.09
C THR A 24 11.10 4.06 2.12
N ILE A 25 9.87 4.31 1.68
CA ILE A 25 8.72 4.17 2.57
C ILE A 25 8.60 2.73 3.05
N ALA A 26 8.73 1.78 2.12
CA ALA A 26 8.68 0.34 2.46
C ALA A 26 9.68 -0.02 3.55
N GLU A 27 10.91 0.48 3.45
CA GLU A 27 11.92 0.21 4.48
C GLU A 27 11.55 0.85 5.81
N SER A 28 10.92 2.04 5.77
CA SER A 28 10.51 2.67 7.03
C SER A 28 9.39 1.91 7.70
N ILE A 29 8.44 1.41 6.89
CA ILE A 29 7.35 0.60 7.42
C ILE A 29 7.90 -0.66 8.06
N GLN A 30 8.83 -1.34 7.37
CA GLN A 30 9.44 -2.53 7.95
C GLN A 30 10.10 -2.22 9.29
N GLN A 31 10.84 -1.10 9.35
CA GLN A 31 11.53 -0.72 10.57
C GLN A 31 10.54 -0.48 11.72
N GLU A 32 9.46 0.24 11.42
CA GLU A 32 8.49 0.56 12.47
C GLU A 32 7.78 -0.68 13.00
N PHE A 33 7.63 -1.72 12.18
CA PHE A 33 7.05 -2.96 12.67
C PHE A 33 7.99 -3.76 13.57
N GLY A 34 9.31 -3.54 13.47
CA GLY A 34 10.24 -4.35 14.22
C GLY A 34 11.37 -4.93 13.41
N GLY A 35 11.36 -4.70 12.11
CA GLY A 35 12.46 -5.10 11.26
C GLY A 35 12.17 -6.39 10.52
N GLU A 36 13.24 -6.99 9.99
CA GLU A 36 13.12 -8.13 9.09
C GLU A 36 12.48 -9.35 9.74
N SER A 37 12.51 -9.46 11.07
CA SER A 37 11.88 -10.64 11.66
C SER A 37 10.36 -10.56 11.58
N ILE A 38 9.78 -9.38 11.35
CA ILE A 38 8.34 -9.19 11.42
C ILE A 38 7.74 -8.96 10.03
N VAL A 39 8.45 -8.25 9.16
CA VAL A 39 7.97 -7.90 7.83
C VAL A 39 9.02 -8.32 6.82
N ASP A 40 8.61 -9.11 5.82
CA ASP A 40 9.46 -9.39 4.65
C ASP A 40 9.27 -8.30 3.61
N LEU A 41 10.38 -7.77 3.09
CA LEU A 41 10.32 -6.74 2.05
C LEU A 41 10.54 -7.41 0.71
N ASN A 42 9.54 -7.33 -0.18
CA ASN A 42 9.59 -8.00 -1.47
C ASN A 42 9.30 -7.00 -2.58
N ASP A 43 10.26 -6.79 -3.48
CA ASP A 43 9.99 -6.02 -4.69
C ASP A 43 9.12 -6.85 -5.61
N ILE A 44 7.95 -6.31 -5.99
CA ILE A 44 6.99 -7.06 -6.79
C ILE A 44 7.56 -7.39 -8.16
N ALA A 45 8.55 -6.63 -8.63
CA ALA A 45 9.22 -6.97 -9.88
C ALA A 45 9.91 -8.32 -9.81
N ASN A 46 10.21 -8.80 -8.62
CA ASN A 46 10.96 -10.04 -8.40
C ASN A 46 10.08 -11.18 -7.93
N ALA A 47 8.76 -10.97 -7.88
CA ALA A 47 7.87 -11.90 -7.21
C ALA A 47 7.02 -12.66 -8.22
N ASP A 48 6.64 -13.87 -7.85
CA ASP A 48 5.55 -14.56 -8.49
C ASP A 48 4.28 -14.31 -7.70
N ALA A 49 3.13 -14.49 -8.35
CA ALA A 49 1.87 -14.35 -7.63
C ALA A 49 1.82 -15.32 -6.45
N SER A 50 2.37 -16.53 -6.62
CA SER A 50 2.40 -17.51 -5.54
C SER A 50 3.15 -17.01 -4.31
N ASP A 51 4.05 -16.03 -4.46
CA ASP A 51 4.72 -15.48 -3.29
C ASP A 51 3.73 -14.78 -2.36
N LEU A 52 2.69 -14.13 -2.91
CA LEU A 52 1.71 -13.50 -2.04
C LEU A 52 0.83 -14.50 -1.30
N ASN A 53 0.72 -15.72 -1.85
CA ASN A 53 -0.11 -16.75 -1.25
C ASN A 53 0.43 -17.20 0.10
N ALA A 54 1.72 -16.98 0.36
CA ALA A 54 2.39 -17.51 1.54
C ALA A 54 2.17 -16.66 2.79
N TYR A 55 1.48 -15.53 2.70
CA TYR A 55 1.28 -14.64 3.84
C TYR A 55 -0.20 -14.49 4.15
N ASP A 56 -0.53 -14.48 5.44
CA ASP A 56 -1.89 -14.19 5.87
C ASP A 56 -2.14 -12.70 5.95
N TYR A 57 -1.08 -11.91 6.02
CA TYR A 57 -1.10 -10.46 6.18
C TYR A 57 -0.19 -9.86 5.13
N LEU A 58 -0.73 -8.96 4.33
CA LEU A 58 0.01 -8.36 3.23
C LEU A 58 -0.04 -6.85 3.34
N ILE A 59 1.06 -6.21 2.93
CA ILE A 59 1.09 -4.77 2.73
C ILE A 59 1.50 -4.53 1.28
N ILE A 60 0.71 -3.74 0.56
CA ILE A 60 0.85 -3.54 -0.88
C ILE A 60 1.24 -2.09 -1.10
N GLY A 61 2.41 -1.87 -1.69
CA GLY A 61 2.89 -0.52 -1.91
C GLY A 61 3.00 -0.17 -3.37
N CYS A 62 2.38 0.93 -3.78
CA CYS A 62 2.39 1.33 -5.19
C CYS A 62 2.30 2.84 -5.32
N PRO A 63 3.20 3.46 -6.06
CA PRO A 63 3.07 4.89 -6.33
C PRO A 63 2.11 5.17 -7.48
N THR A 64 1.64 6.42 -7.53
CA THR A 64 0.94 6.98 -8.68
C THR A 64 1.77 8.11 -9.24
N TRP A 65 2.35 7.91 -10.43
CA TRP A 65 3.10 8.96 -11.10
C TRP A 65 2.72 9.13 -12.56
N ASN A 66 1.83 8.27 -13.08
CA ASN A 66 1.34 8.38 -14.46
C ASN A 66 -0.15 8.13 -14.41
N VAL A 67 -0.94 9.18 -14.66
CA VAL A 67 -2.39 9.05 -14.59
C VAL A 67 -2.86 8.04 -15.62
N GLY A 68 -3.85 7.22 -15.23
CA GLY A 68 -4.38 6.19 -16.08
C GLY A 68 -3.64 4.87 -16.05
N GLU A 69 -2.38 4.87 -15.65
CA GLU A 69 -1.56 3.67 -15.68
C GLU A 69 -1.13 3.27 -14.27
N LEU A 70 -0.93 1.98 -14.07
CA LEU A 70 -0.33 1.43 -12.88
C LEU A 70 1.19 1.38 -13.05
N GLN A 71 1.91 1.48 -11.94
CA GLN A 71 3.35 1.22 -11.96
C GLN A 71 3.61 -0.08 -12.71
N SER A 72 4.66 -0.08 -13.53
CA SER A 72 4.82 -1.13 -14.53
C SER A 72 4.87 -2.52 -13.92
N ASP A 73 5.55 -2.67 -12.77
CA ASP A 73 5.68 -4.00 -12.19
C ASP A 73 4.35 -4.49 -11.65
N TRP A 74 3.53 -3.60 -11.09
CA TRP A 74 2.19 -4.00 -10.65
C TRP A 74 1.28 -4.25 -11.84
N GLU A 75 1.43 -3.46 -12.90
CA GLU A 75 0.67 -3.71 -14.13
C GLU A 75 0.98 -5.09 -14.69
N GLY A 76 2.25 -5.51 -14.65
CA GLY A 76 2.61 -6.81 -15.21
C GLY A 76 2.07 -7.99 -14.44
N ILE A 77 1.84 -7.83 -13.13
CA ILE A 77 1.35 -8.93 -12.30
C ILE A 77 -0.16 -8.85 -12.07
N TYR A 78 -0.78 -7.72 -12.42
CA TYR A 78 -2.19 -7.47 -12.10
C TYR A 78 -3.09 -8.63 -12.48
N ASP A 79 -2.96 -9.16 -13.70
CA ASP A 79 -3.86 -10.25 -14.09
C ASP A 79 -3.53 -11.53 -13.33
N ASP A 80 -2.29 -11.70 -12.92
CA ASP A 80 -1.93 -12.91 -12.19
C ASP A 80 -2.34 -12.86 -10.72
N LEU A 81 -2.78 -11.70 -10.22
CA LEU A 81 -3.35 -11.65 -8.88
C LEU A 81 -4.51 -12.62 -8.72
N ASP A 82 -5.18 -12.98 -9.81
CA ASP A 82 -6.27 -13.95 -9.76
C ASP A 82 -5.81 -15.33 -9.33
N SER A 83 -4.53 -15.64 -9.46
CA SER A 83 -4.05 -16.95 -9.06
CA SER A 83 -4.00 -16.94 -9.06
C SER A 83 -3.76 -17.01 -7.56
N VAL A 84 -3.92 -15.90 -6.84
CA VAL A 84 -3.77 -15.85 -5.39
C VAL A 84 -5.13 -16.11 -4.76
N ASN A 85 -5.18 -17.02 -3.77
CA ASN A 85 -6.41 -17.15 -3.00
C ASN A 85 -6.43 -16.07 -1.92
N PHE A 86 -7.12 -14.96 -2.20
CA PHE A 86 -7.14 -13.86 -1.24
C PHE A 86 -8.15 -14.03 -0.13
N GLN A 87 -8.96 -15.08 -0.17
CA GLN A 87 -9.99 -15.26 0.84
C GLN A 87 -9.38 -15.38 2.23
N GLY A 88 -9.87 -14.56 3.14
CA GLY A 88 -9.37 -14.54 4.50
C GLY A 88 -8.18 -13.63 4.75
N LYS A 89 -7.49 -13.18 3.69
CA LYS A 89 -6.27 -12.41 3.88
C LYS A 89 -6.59 -10.97 4.27
N LYS A 90 -5.80 -10.43 5.18
CA LYS A 90 -5.89 -9.03 5.55
C LYS A 90 -4.83 -8.28 4.75
N VAL A 91 -5.25 -7.23 4.06
CA VAL A 91 -4.36 -6.54 3.13
C VAL A 91 -4.42 -5.06 3.43
N ALA A 92 -3.26 -4.45 3.63
CA ALA A 92 -3.11 -3.01 3.78
C ALA A 92 -2.36 -2.45 2.58
N TYR A 93 -2.52 -1.14 2.39
CA TYR A 93 -2.03 -0.45 1.20
C TYR A 93 -1.33 0.84 1.60
N PHE A 94 -0.28 1.18 0.85
CA PHE A 94 0.29 2.51 0.95
C PHE A 94 0.72 2.96 -0.44
N GLY A 95 0.82 4.26 -0.62
CA GLY A 95 1.23 4.81 -1.90
C GLY A 95 1.92 6.14 -1.74
N ALA A 96 2.86 6.41 -2.64
CA ALA A 96 3.48 7.72 -2.74
C ALA A 96 2.82 8.49 -3.87
N GLY A 97 2.59 9.78 -3.65
CA GLY A 97 1.96 10.59 -4.68
C GLY A 97 2.17 12.06 -4.40
N ASP A 98 1.71 12.88 -5.32
CA ASP A 98 1.85 14.34 -5.28
C ASP A 98 0.45 14.94 -5.34
N GLN A 99 -0.06 15.41 -4.20
CA GLN A 99 -1.46 15.84 -4.15
C GLN A 99 -1.68 17.19 -4.79
N VAL A 100 -0.61 17.96 -5.01
CA VAL A 100 -0.72 19.24 -5.71
C VAL A 100 -0.64 19.05 -7.20
N GLY A 101 0.38 18.31 -7.66
CA GLY A 101 0.53 18.10 -9.09
C GLY A 101 -0.50 17.16 -9.68
N TYR A 102 -1.02 16.24 -8.87
CA TYR A 102 -1.99 15.25 -9.31
C TYR A 102 -3.25 15.36 -8.45
N SER A 103 -3.81 16.56 -8.37
CA SER A 103 -4.90 16.81 -7.43
C SER A 103 -6.16 16.04 -7.81
N ASP A 104 -6.34 15.72 -9.09
CA ASP A 104 -7.49 14.97 -9.58
C ASP A 104 -7.25 13.48 -9.64
N ASN A 105 -6.05 13.02 -9.29
CA ASN A 105 -5.65 11.62 -9.43
C ASN A 105 -4.76 11.20 -8.28
N PHE A 106 -5.03 11.72 -7.09
CA PHE A 106 -4.12 11.52 -5.97
C PHE A 106 -4.25 10.11 -5.46
N GLN A 107 -3.16 9.34 -5.50
CA GLN A 107 -3.11 7.96 -5.01
C GLN A 107 -4.02 7.03 -5.79
N ASP A 108 -4.24 7.33 -7.08
CA ASP A 108 -5.14 6.51 -7.89
C ASP A 108 -4.70 5.05 -7.88
N ALA A 109 -3.40 4.80 -8.06
CA ALA A 109 -2.92 3.43 -8.24
C ALA A 109 -3.22 2.59 -7.02
N MET A 110 -3.05 3.16 -5.83
CA MET A 110 -3.40 2.44 -4.60
C MET A 110 -4.87 2.04 -4.60
N GLY A 111 -5.73 2.90 -5.16
CA GLY A 111 -7.15 2.58 -5.20
C GLY A 111 -7.47 1.52 -6.23
N ILE A 112 -6.79 1.58 -7.38
CA ILE A 112 -6.97 0.56 -8.40
C ILE A 112 -6.60 -0.83 -7.87
N LEU A 113 -5.48 -0.91 -7.14
CA LEU A 113 -5.04 -2.20 -6.62
C LEU A 113 -5.96 -2.71 -5.52
N GLU A 114 -6.39 -1.83 -4.61
CA GLU A 114 -7.30 -2.29 -3.56
C GLU A 114 -8.61 -2.76 -4.16
N GLU A 115 -9.08 -2.10 -5.22
CA GLU A 115 -10.32 -2.53 -5.83
C GLU A 115 -10.21 -3.93 -6.38
N LYS A 116 -9.08 -4.24 -7.03
CA LYS A 116 -8.88 -5.57 -7.57
C LYS A 116 -8.76 -6.60 -6.45
N ILE A 117 -7.88 -6.34 -5.50
CA ILE A 117 -7.58 -7.35 -4.48
C ILE A 117 -8.77 -7.55 -3.55
N SER A 118 -9.50 -6.46 -3.23
CA SER A 118 -10.71 -6.63 -2.42
C SER A 118 -11.79 -7.42 -3.15
N SER A 119 -11.87 -7.28 -4.48
CA SER A 119 -12.85 -8.07 -5.24
C SER A 119 -12.55 -9.56 -5.20
N LEU A 120 -11.34 -9.94 -4.81
CA LEU A 120 -10.95 -11.34 -4.74
C LEU A 120 -11.15 -11.92 -3.36
N GLY A 121 -11.80 -11.19 -2.47
CA GLY A 121 -12.20 -11.72 -1.18
C GLY A 121 -11.32 -11.34 -0.02
N SER A 122 -10.36 -10.44 -0.21
CA SER A 122 -9.53 -10.06 0.92
C SER A 122 -10.28 -9.06 1.77
N GLN A 123 -9.74 -8.82 2.96
CA GLN A 123 -10.26 -7.79 3.86
C GLN A 123 -9.27 -6.64 3.91
N THR A 124 -9.68 -5.48 3.42
CA THR A 124 -8.86 -4.29 3.51
C THR A 124 -8.78 -3.82 4.96
N VAL A 125 -7.56 -3.51 5.41
CA VAL A 125 -7.34 -2.91 6.72
C VAL A 125 -6.38 -1.74 6.54
N GLY A 126 -6.39 -0.83 7.49
CA GLY A 126 -5.49 0.30 7.42
C GLY A 126 -6.07 1.55 6.79
N TYR A 127 -7.39 1.70 6.78
CA TYR A 127 -8.00 2.92 6.26
C TYR A 127 -7.41 4.15 6.94
N TRP A 128 -7.32 5.24 6.19
CA TRP A 128 -6.55 6.41 6.59
C TRP A 128 -7.35 7.67 6.33
N PRO A 129 -7.31 8.66 7.23
CA PRO A 129 -8.17 9.85 7.03
C PRO A 129 -7.67 10.78 5.94
N ILE A 130 -8.63 11.38 5.24
CA ILE A 130 -8.29 12.28 4.13
C ILE A 130 -8.03 13.71 4.59
N GLU A 131 -8.38 14.05 5.84
CA GLU A 131 -8.38 15.45 6.25
C GLU A 131 -6.99 16.06 6.35
N GLY A 132 -5.94 15.23 6.41
CA GLY A 132 -4.60 15.79 6.43
C GLY A 132 -4.05 16.12 5.07
N TYR A 133 -4.90 16.13 4.06
CA TYR A 133 -4.48 16.27 2.67
C TYR A 133 -5.34 17.34 2.01
N ASP A 134 -4.91 17.75 0.82
CA ASP A 134 -5.59 18.79 0.04
C ASP A 134 -5.57 18.30 -1.40
N PHE A 135 -6.68 17.75 -1.87
CA PHE A 135 -6.76 17.20 -3.21
C PHE A 135 -8.22 17.25 -3.66
N ASN A 136 -8.42 17.04 -4.96
CA ASN A 136 -9.76 17.12 -5.49
C ASN A 136 -10.42 15.75 -5.67
N GLU A 137 -9.73 14.79 -6.28
CA GLU A 137 -10.32 13.48 -6.50
C GLU A 137 -9.25 12.39 -6.37
N SER A 138 -9.72 11.19 -6.01
CA SER A 138 -8.84 10.04 -5.80
C SER A 138 -9.64 8.76 -6.00
N LYS A 139 -9.07 7.82 -6.76
CA LYS A 139 -9.66 6.49 -6.82
C LYS A 139 -9.46 5.70 -5.54
N ALA A 140 -8.66 6.21 -4.61
CA ALA A 140 -8.36 5.50 -3.38
C ALA A 140 -9.27 5.88 -2.22
N VAL A 141 -10.29 6.70 -2.44
CA VAL A 141 -11.15 7.18 -1.36
C VAL A 141 -12.43 6.37 -1.36
N ARG A 142 -12.77 5.81 -0.21
CA ARG A 142 -14.07 5.18 0.01
C ARG A 142 -14.65 5.76 1.28
N ASN A 143 -15.86 6.32 1.19
CA ASN A 143 -16.60 6.80 2.36
C ASN A 143 -15.77 7.78 3.17
N ASN A 144 -15.13 8.72 2.46
CA ASN A 144 -14.35 9.80 3.07
C ASN A 144 -13.09 9.31 3.78
N GLN A 145 -12.56 8.17 3.38
CA GLN A 145 -11.33 7.62 3.92
C GLN A 145 -10.47 7.10 2.78
N PHE A 146 -9.15 7.21 2.91
CA PHE A 146 -8.24 6.47 2.03
C PHE A 146 -8.26 4.99 2.38
N VAL A 147 -8.13 4.14 1.34
CA VAL A 147 -7.99 2.70 1.58
C VAL A 147 -6.66 2.33 2.21
N GLY A 148 -5.72 3.26 2.25
CA GLY A 148 -4.44 3.00 2.88
C GLY A 148 -3.65 4.28 3.07
N LEU A 149 -2.41 4.10 3.49
CA LEU A 149 -1.58 5.24 3.87
C LEU A 149 -1.13 6.04 2.64
N ALA A 150 -1.46 7.32 2.61
CA ALA A 150 -1.04 8.20 1.52
C ALA A 150 0.18 9.01 1.94
N ILE A 151 1.27 8.85 1.20
CA ILE A 151 2.52 9.57 1.46
C ILE A 151 2.73 10.57 0.34
N ASP A 152 3.16 11.77 0.71
CA ASP A 152 3.51 12.81 -0.27
C ASP A 152 4.84 13.39 0.19
N GLU A 153 5.93 12.92 -0.41
CA GLU A 153 7.26 13.41 -0.08
C GLU A 153 7.58 14.73 -0.76
N ASP A 154 6.84 15.09 -1.81
CA ASP A 154 7.06 16.36 -2.49
C ASP A 154 6.48 17.52 -1.68
N ASN A 155 5.29 17.34 -1.12
CA ASN A 155 4.62 18.42 -0.43
C ASN A 155 4.56 18.26 1.08
N GLN A 156 4.68 17.04 1.59
CA GLN A 156 4.59 16.85 3.03
C GLN A 156 5.68 15.91 3.53
N PRO A 157 6.95 16.11 3.15
CA PRO A 157 7.98 15.17 3.61
C PRO A 157 8.16 15.19 5.11
N ASP A 158 7.78 16.28 5.77
CA ASP A 158 7.93 16.37 7.23
C ASP A 158 6.89 15.54 7.97
N LEU A 159 5.81 15.14 7.30
CA LEU A 159 4.74 14.37 7.93
C LEU A 159 4.92 12.86 7.78
N THR A 160 5.79 12.42 6.88
CA THR A 160 5.88 10.99 6.56
C THR A 160 6.22 10.14 7.78
N LYS A 161 7.21 10.56 8.58
CA LYS A 161 7.61 9.72 9.71
C LYS A 161 6.44 9.47 10.66
N ASN A 162 5.73 10.53 11.09
CA ASN A 162 4.68 10.28 12.07
C ASN A 162 3.48 9.61 11.44
N ARG A 163 3.26 9.80 10.14
CA ARG A 163 2.20 9.06 9.45
C ARG A 163 2.49 7.56 9.47
N ILE A 164 3.73 7.17 9.14
CA ILE A 164 4.08 5.75 9.13
C ILE A 164 3.98 5.18 10.55
N LYS A 165 4.49 5.90 11.55
CA LYS A 165 4.45 5.39 12.91
C LYS A 165 3.01 5.20 13.39
N THR A 166 2.14 6.15 13.04
CA THR A 166 0.73 6.07 13.44
C THR A 166 0.02 4.95 12.69
N TRP A 167 0.24 4.87 11.37
CA TRP A 167 -0.40 3.82 10.58
C TRP A 167 0.07 2.44 10.99
N VAL A 168 1.36 2.27 11.25
CA VAL A 168 1.84 0.94 11.64
C VAL A 168 1.26 0.56 12.99
N SER A 169 1.18 1.51 13.93
CA SER A 169 0.56 1.18 15.22
C SER A 169 -0.88 0.73 15.03
N GLN A 170 -1.60 1.37 14.10
CA GLN A 170 -2.97 0.96 13.79
C GLN A 170 -3.01 -0.42 13.14
N LEU A 171 -2.04 -0.73 12.27
CA LEU A 171 -2.02 -2.03 11.62
C LEU A 171 -1.68 -3.15 12.60
N LYS A 172 -0.90 -2.86 13.63
CA LYS A 172 -0.55 -3.92 14.58
C LYS A 172 -1.79 -4.45 15.26
N SER A 173 -2.76 -3.57 15.56
CA SER A 173 -4.03 -4.05 16.10
C SER A 173 -4.79 -4.89 15.07
N GLU A 174 -4.87 -4.42 13.82
CA GLU A 174 -5.60 -5.18 12.81
C GLU A 174 -4.86 -6.45 12.38
N PHE A 175 -3.53 -6.49 12.49
CA PHE A 175 -2.73 -7.66 12.16
C PHE A 175 -2.48 -8.58 13.35
N GLY A 176 -3.14 -8.35 14.49
CA GLY A 176 -2.98 -9.23 15.63
C GLY A 176 -1.62 -9.22 16.28
N LEU A 177 -0.80 -8.20 16.02
CA LEU A 177 0.47 -8.02 16.69
C LEU A 177 0.36 -7.21 17.97
N ALA A 178 -0.75 -6.52 18.19
CA ALA A 178 -0.88 -5.71 19.39
C ALA A 178 -1.01 -6.61 20.61
N LEU A 179 -0.42 -6.16 21.72
CA LEU A 179 -0.42 -6.94 22.96
C LEU A 179 -1.49 -6.45 23.92
MG MG B . -8.60 -16.40 -8.40
CL CL C . 8.22 5.54 -6.35
#